data_4WPE
#
_entry.id   4WPE
#
_cell.length_a   137.178
_cell.length_b   43.893
_cell.length_c   95.858
_cell.angle_alpha   90.00
_cell.angle_beta   133.53
_cell.angle_gamma   90.00
#
_symmetry.space_group_name_H-M   'C 1 2 1'
#
loop_
_entity.id
_entity.type
_entity.pdbx_description
1 polymer 'Cytokinesis protein 2'
2 water water
#
_entity_poly.entity_id   1
_entity_poly.type   'polypeptide(L)'
_entity_poly.pdbx_seq_one_letter_code
;(MSE)HHHHHHSYSYEACFWDPNDNGVNILLGHISQGIRSCDS(MSE)ILFFKQRSELEKDYARRLGAITGKLDKDIGTN
(MSE)DYGKLNETFNVVLSVEKARAQSHSKQSEILFRQIYTDTKAFAANLQARYTTLSGKIERLR(MSE)DKFNKKKGCE
VLQKKLQDAQIRFRDLQLNENN(MSE)IGAKRVEHNKRELLKWESNSQEYKVQLDVLKQEYKASQKFWIHEWAQLSCELQ
E(MSE)ENARISFLQSKLQQFATSS(MSE)ETYILEQTK(MSE)D(MSE)LTNHLNSFTAADEISTFSKENGTGRLKHKT
SKGD(MSE)NSSANWAQ(MSE)SSISTTSK
;
_entity_poly.pdbx_strand_id   A
#
# COMPACT_ATOMS: atom_id res chain seq x y z
N HIS A 7 -6.43 -27.93 -1.89
CA HIS A 7 -6.78 -27.43 -0.58
C HIS A 7 -5.94 -26.19 -0.23
N SER A 8 -5.40 -26.15 0.99
CA SER A 8 -4.54 -25.06 1.50
C SER A 8 -4.33 -23.86 0.58
N TYR A 9 -4.78 -22.69 1.01
CA TYR A 9 -4.98 -21.55 0.12
C TYR A 9 -3.96 -20.42 0.24
N SER A 10 -3.30 -20.09 -0.87
CA SER A 10 -2.35 -18.97 -0.94
C SER A 10 -2.22 -18.41 -2.37
N TYR A 11 -1.33 -17.44 -2.55
CA TYR A 11 -1.15 -16.80 -3.85
C TYR A 11 -0.43 -17.70 -4.85
N GLU A 12 0.54 -18.46 -4.37
CA GLU A 12 1.35 -19.30 -5.25
C GLU A 12 0.67 -20.63 -5.53
N ALA A 13 -0.40 -20.90 -4.78
CA ALA A 13 -1.09 -22.18 -4.88
C ALA A 13 -2.30 -22.12 -5.81
N CYS A 14 -3.01 -21.00 -5.78
CA CYS A 14 -4.36 -20.96 -6.35
C CYS A 14 -4.54 -20.10 -7.60
N PHE A 15 -3.46 -19.58 -8.17
CA PHE A 15 -3.61 -18.68 -9.30
C PHE A 15 -2.88 -19.17 -10.55
N TRP A 16 -3.16 -20.40 -10.93
CA TRP A 16 -2.58 -20.99 -12.14
C TRP A 16 -3.63 -21.15 -13.24
N ASP A 17 -3.65 -20.22 -14.18
CA ASP A 17 -4.57 -20.27 -15.30
C ASP A 17 -3.81 -20.36 -16.63
N PRO A 18 -4.36 -21.10 -17.61
CA PRO A 18 -3.70 -21.30 -18.90
C PRO A 18 -3.71 -20.05 -19.80
N ASN A 19 -4.31 -18.97 -19.31
CA ASN A 19 -4.26 -17.69 -20.01
C ASN A 19 -3.69 -16.59 -19.11
N ASP A 20 -3.08 -17.01 -18.01
CA ASP A 20 -2.44 -16.11 -17.05
C ASP A 20 -3.43 -15.07 -16.53
N ASN A 21 -4.64 -15.52 -16.26
CA ASN A 21 -5.67 -14.65 -15.68
C ASN A 21 -5.34 -14.29 -14.24
N GLY A 22 -5.00 -15.31 -13.46
CA GLY A 22 -4.66 -15.13 -12.06
C GLY A 22 -3.51 -14.15 -11.84
N VAL A 23 -2.68 -13.99 -12.86
CA VAL A 23 -1.58 -13.04 -12.83
C VAL A 23 -2.11 -11.61 -12.70
N ASN A 24 -2.94 -11.19 -13.65
CA ASN A 24 -3.46 -9.84 -13.68
C ASN A 24 -4.40 -9.55 -12.51
N ILE A 25 -5.05 -10.59 -11.99
CA ILE A 25 -5.90 -10.46 -10.83
C ILE A 25 -5.06 -10.11 -9.59
N LEU A 26 -3.95 -10.80 -9.40
CA LEU A 26 -3.04 -10.53 -8.29
C LEU A 26 -2.33 -9.18 -8.44
N LEU A 27 -1.87 -8.89 -9.65
CA LEU A 27 -1.21 -7.62 -9.92
C LEU A 27 -2.18 -6.46 -9.71
N GLY A 28 -3.44 -6.69 -10.06
CA GLY A 28 -4.48 -5.69 -9.87
C GLY A 28 -4.76 -5.46 -8.40
N HIS A 29 -4.79 -6.55 -7.64
CA HIS A 29 -5.10 -6.49 -6.22
C HIS A 29 -4.03 -5.75 -5.41
N ILE A 30 -2.76 -6.10 -5.65
CA ILE A 30 -1.65 -5.47 -4.95
C ILE A 30 -1.58 -3.98 -5.29
N SER A 31 -1.81 -3.66 -6.56
CA SER A 31 -1.76 -2.28 -7.03
C SER A 31 -2.85 -1.41 -6.41
N GLN A 32 -4.05 -1.95 -6.31
CA GLN A 32 -5.16 -1.18 -5.75
C GLN A 32 -4.98 -1.03 -4.25
N GLY A 33 -4.25 -1.96 -3.64
CA GLY A 33 -3.99 -1.92 -2.21
C GLY A 33 -2.97 -0.85 -1.88
N ILE A 34 -2.12 -0.55 -2.85
CA ILE A 34 -1.10 0.48 -2.67
C ILE A 34 -1.74 1.86 -2.69
N ARG A 35 -2.63 2.10 -3.64
CA ARG A 35 -3.36 3.36 -3.72
C ARG A 35 -4.29 3.53 -2.53
N SER A 36 -4.75 2.39 -2.00
CA SER A 36 -5.67 2.39 -0.86
C SER A 36 -4.97 2.92 0.40
N CYS A 37 -3.65 2.88 0.42
CA CYS A 37 -2.89 3.42 1.53
C CYS A 37 -3.04 4.94 1.62
N ASP A 38 -3.22 5.57 0.47
CA ASP A 38 -3.38 7.02 0.42
C ASP A 38 -4.59 7.50 1.23
N SER A 39 -5.54 6.59 1.44
CA SER A 39 -6.70 6.90 2.26
C SER A 39 -6.27 7.18 3.70
N MSE A 40 -5.42 6.32 4.24
CA MSE A 40 -4.97 6.47 5.61
C MSE A 40 -3.84 7.48 5.73
O MSE A 40 -3.77 8.22 6.72
CB MSE A 40 -4.51 5.11 6.17
CG MSE A 40 -5.68 4.24 6.64
SE MSE A 40 -6.77 5.15 7.99
CE MSE A 40 -8.18 3.82 8.22
N ILE A 41 -2.95 7.53 4.73
CA ILE A 41 -1.87 8.50 4.71
C ILE A 41 -2.41 9.93 4.83
N LEU A 42 -3.41 10.25 4.05
CA LEU A 42 -4.02 11.57 4.09
C LEU A 42 -4.74 11.80 5.41
N PHE A 43 -5.42 10.77 5.89
CA PHE A 43 -6.14 10.85 7.16
C PHE A 43 -5.20 11.15 8.32
N PHE A 44 -4.10 10.41 8.38
CA PHE A 44 -3.09 10.59 9.41
C PHE A 44 -2.53 12.00 9.41
N LYS A 45 -2.31 12.54 8.21
CA LYS A 45 -1.79 13.89 8.06
C LYS A 45 -2.77 14.93 8.57
N GLN A 46 -4.00 14.88 8.06
CA GLN A 46 -5.03 15.85 8.43
C GLN A 46 -5.37 15.77 9.91
N ARG A 47 -5.47 14.55 10.42
CA ARG A 47 -5.69 14.30 11.84
C ARG A 47 -4.56 14.89 12.68
N SER A 48 -3.33 14.75 12.21
CA SER A 48 -2.17 15.32 12.88
C SER A 48 -2.26 16.84 12.93
N GLU A 49 -2.62 17.44 11.80
CA GLU A 49 -2.71 18.88 11.69
C GLU A 49 -3.84 19.41 12.56
N LEU A 50 -4.86 18.59 12.77
CA LEU A 50 -6.01 18.96 13.58
C LEU A 50 -5.66 19.05 15.06
N GLU A 51 -4.90 18.07 15.56
CA GLU A 51 -4.54 18.02 16.96
C GLU A 51 -3.58 19.13 17.34
N LYS A 52 -2.72 19.52 16.39
CA LYS A 52 -1.78 20.61 16.62
C LYS A 52 -2.52 21.91 16.84
N ASP A 53 -3.53 22.17 16.00
CA ASP A 53 -4.32 23.39 16.11
C ASP A 53 -5.17 23.37 17.38
N TYR A 54 -5.64 22.19 17.75
CA TYR A 54 -6.43 22.05 18.98
C TYR A 54 -5.58 22.35 20.20
N ALA A 55 -4.38 21.79 20.25
CA ALA A 55 -3.46 22.02 21.36
C ALA A 55 -3.04 23.47 21.43
N ARG A 56 -2.70 24.04 20.27
CA ARG A 56 -2.22 25.42 20.21
C ARG A 56 -3.31 26.41 20.62
N ARG A 57 -4.53 26.15 20.17
CA ARG A 57 -5.64 27.06 20.47
C ARG A 57 -6.14 26.88 21.90
N LEU A 58 -6.00 25.67 22.43
CA LEU A 58 -6.36 25.40 23.82
C LEU A 58 -5.36 26.09 24.74
N GLY A 59 -4.09 26.07 24.35
CA GLY A 59 -3.03 26.72 25.09
C GLY A 59 -3.26 28.22 25.17
N ALA A 60 -3.69 28.80 24.04
CA ALA A 60 -4.02 30.22 23.98
C ALA A 60 -5.20 30.55 24.89
N ILE A 61 -6.12 29.60 25.03
CA ILE A 61 -7.30 29.78 25.87
C ILE A 61 -6.91 29.73 27.34
N THR A 62 -6.08 28.77 27.71
CA THR A 62 -5.58 28.68 29.08
C THR A 62 -4.67 29.86 29.39
N GLY A 63 -4.11 30.47 28.35
CA GLY A 63 -3.30 31.67 28.51
C GLY A 63 -4.13 32.83 28.98
N LYS A 64 -5.29 33.04 28.37
CA LYS A 64 -6.19 34.12 28.76
C LYS A 64 -6.81 33.81 30.12
N LEU A 65 -6.95 32.52 30.42
CA LEU A 65 -7.51 32.12 31.71
C LEU A 65 -6.52 32.42 32.84
N ASP A 66 -5.23 32.20 32.58
CA ASP A 66 -4.20 32.48 33.57
C ASP A 66 -4.14 33.96 33.93
N LYS A 67 -4.11 34.80 32.91
CA LYS A 67 -4.06 36.25 33.11
C LYS A 67 -5.32 36.74 33.81
N ASP A 68 -6.45 36.11 33.52
CA ASP A 68 -7.72 36.51 34.13
C ASP A 68 -7.79 36.14 35.60
N ILE A 69 -7.28 34.97 35.94
CA ILE A 69 -7.22 34.55 37.34
C ILE A 69 -6.38 35.52 38.17
N GLY A 70 -5.24 35.91 37.62
CA GLY A 70 -4.35 36.85 38.28
C GLY A 70 -4.93 38.25 38.38
N THR A 71 -5.49 38.73 37.27
CA THR A 71 -6.14 40.04 37.26
C THR A 71 -7.35 40.06 38.16
N ASN A 72 -8.39 39.32 37.77
CA ASN A 72 -9.56 39.12 38.61
C ASN A 72 -9.25 38.12 39.71
N MSE A 73 -8.63 38.60 40.77
CA MSE A 73 -8.28 37.74 41.90
C MSE A 73 -9.53 37.15 42.54
O MSE A 73 -10.60 37.76 42.52
CB MSE A 73 -7.48 38.52 42.94
CG MSE A 73 -6.13 38.98 42.45
SE MSE A 73 -5.16 39.97 43.81
CE MSE A 73 -6.28 41.57 43.86
N ASP A 74 -9.39 35.95 43.08
CA ASP A 74 -10.48 35.29 43.78
C ASP A 74 -9.95 34.65 45.06
N TYR A 75 -10.86 34.19 45.92
CA TYR A 75 -10.50 33.80 47.27
C TYR A 75 -10.51 32.30 47.49
N GLY A 76 -9.67 31.85 48.41
CA GLY A 76 -9.68 30.49 48.93
C GLY A 76 -9.92 29.39 47.92
N LYS A 77 -10.65 28.37 48.36
CA LYS A 77 -10.88 27.17 47.57
C LYS A 77 -11.39 27.44 46.14
N LEU A 78 -12.25 28.44 45.97
CA LEU A 78 -12.77 28.74 44.64
C LEU A 78 -11.65 29.29 43.75
N ASN A 79 -10.61 29.84 44.38
CA ASN A 79 -9.46 30.29 43.61
C ASN A 79 -8.50 29.14 43.32
N GLU A 80 -8.35 28.24 44.28
CA GLU A 80 -7.53 27.05 44.09
C GLU A 80 -8.22 26.08 43.13
N THR A 81 -9.53 26.23 42.96
CA THR A 81 -10.24 25.38 41.99
C THR A 81 -10.11 25.97 40.59
N PHE A 82 -9.97 27.29 40.50
CA PHE A 82 -9.78 27.94 39.21
C PHE A 82 -8.42 27.56 38.64
N ASN A 83 -7.46 27.30 39.52
CA ASN A 83 -6.11 26.94 39.11
C ASN A 83 -5.99 25.46 38.75
N VAL A 84 -6.83 24.62 39.35
CA VAL A 84 -6.89 23.21 38.99
C VAL A 84 -7.42 23.09 37.56
N VAL A 85 -8.48 23.83 37.27
CA VAL A 85 -9.02 23.89 35.92
C VAL A 85 -7.95 24.35 34.95
N LEU A 86 -7.18 25.34 35.36
CA LEU A 86 -6.11 25.89 34.55
C LEU A 86 -5.03 24.84 34.28
N SER A 87 -4.65 24.09 35.31
CA SER A 87 -3.58 23.11 35.17
C SER A 87 -4.05 21.86 34.43
N VAL A 88 -5.30 21.46 34.69
CA VAL A 88 -5.89 20.32 34.00
C VAL A 88 -5.91 20.55 32.49
N GLU A 89 -6.34 21.75 32.09
CA GLU A 89 -6.52 22.06 30.67
C GLU A 89 -5.21 22.21 29.92
N LYS A 90 -4.17 22.73 30.58
CA LYS A 90 -2.88 22.86 29.91
C LYS A 90 -2.21 21.49 29.81
N ALA A 91 -2.62 20.56 30.67
CA ALA A 91 -2.15 19.18 30.58
C ALA A 91 -2.73 18.49 29.36
N ARG A 92 -4.01 18.73 29.09
CA ARG A 92 -4.65 18.21 27.89
C ARG A 92 -4.00 18.78 26.65
N ALA A 93 -3.75 20.09 26.67
CA ALA A 93 -3.10 20.78 25.56
C ALA A 93 -1.77 20.12 25.22
N GLN A 94 -0.93 19.91 26.24
CA GLN A 94 0.35 19.24 26.04
C GLN A 94 0.15 17.81 25.53
N SER A 95 -0.91 17.16 25.98
CA SER A 95 -1.18 15.77 25.62
C SER A 95 -1.62 15.65 24.16
N HIS A 96 -2.45 16.58 23.72
CA HIS A 96 -2.88 16.61 22.33
C HIS A 96 -1.72 17.03 21.43
N SER A 97 -0.87 17.91 21.94
CA SER A 97 0.28 18.38 21.18
C SER A 97 1.27 17.25 20.96
N LYS A 98 1.50 16.46 22.02
CA LYS A 98 2.39 15.31 21.93
C LYS A 98 1.79 14.26 20.99
N GLN A 99 0.48 14.09 21.07
CA GLN A 99 -0.24 13.17 20.19
C GLN A 99 -0.11 13.59 18.74
N SER A 100 -0.18 14.90 18.51
CA SER A 100 -0.05 15.46 17.17
C SER A 100 1.29 15.13 16.54
N GLU A 101 2.36 15.30 17.31
CA GLU A 101 3.71 15.05 16.81
C GLU A 101 3.94 13.57 16.50
N ILE A 102 3.41 12.68 17.34
CA ILE A 102 3.51 11.25 17.08
C ILE A 102 2.82 10.90 15.77
N LEU A 103 1.69 11.55 15.52
CA LEU A 103 0.91 11.29 14.31
C LEU A 103 1.66 11.72 13.06
N PHE A 104 2.28 12.89 13.08
CA PHE A 104 2.89 13.43 11.87
C PHE A 104 4.14 12.66 11.43
N ARG A 105 4.96 12.23 12.39
CA ARG A 105 6.27 11.70 12.04
C ARG A 105 6.41 10.19 12.21
N GLN A 106 5.87 9.64 13.28
CA GLN A 106 6.04 8.20 13.51
C GLN A 106 5.06 7.34 12.72
N ILE A 107 3.86 7.84 12.46
CA ILE A 107 2.89 7.03 11.75
C ILE A 107 2.51 7.58 10.37
N TYR A 108 2.44 8.91 10.22
CA TYR A 108 2.14 9.47 8.91
C TYR A 108 3.35 9.36 7.97
N THR A 109 4.49 9.85 8.44
CA THR A 109 5.71 9.86 7.66
C THR A 109 6.15 8.44 7.32
N ASP A 110 6.12 7.55 8.31
CA ASP A 110 6.57 6.17 8.12
C ASP A 110 5.62 5.37 7.24
N THR A 111 4.36 5.78 7.20
CA THR A 111 3.37 5.11 6.35
C THR A 111 3.48 5.59 4.90
N LYS A 112 3.65 6.89 4.72
CA LYS A 112 3.83 7.45 3.39
C LYS A 112 5.12 6.90 2.75
N ALA A 113 6.19 6.87 3.54
CA ALA A 113 7.48 6.39 3.07
C ALA A 113 7.41 4.91 2.69
N PHE A 114 6.73 4.13 3.51
CA PHE A 114 6.60 2.70 3.27
C PHE A 114 5.74 2.44 2.03
N ALA A 115 4.71 3.25 1.84
CA ALA A 115 3.83 3.11 0.68
C ALA A 115 4.58 3.39 -0.62
N ALA A 116 5.46 4.39 -0.59
CA ALA A 116 6.24 4.74 -1.77
C ALA A 116 7.21 3.61 -2.13
N ASN A 117 7.66 2.89 -1.11
CA ASN A 117 8.59 1.77 -1.30
C ASN A 117 7.88 0.53 -1.84
N LEU A 118 6.65 0.31 -1.39
CA LEU A 118 5.83 -0.77 -1.93
C LEU A 118 5.62 -0.54 -3.43
N GLN A 119 5.27 0.70 -3.77
CA GLN A 119 5.07 1.09 -5.15
C GLN A 119 6.30 0.83 -6.02
N ALA A 120 7.47 1.15 -5.47
CA ALA A 120 8.72 0.94 -6.19
C ALA A 120 8.95 -0.54 -6.49
N ARG A 121 8.72 -1.38 -5.48
CA ARG A 121 8.90 -2.82 -5.66
C ARG A 121 7.87 -3.37 -6.63
N TYR A 122 6.63 -2.90 -6.51
CA TYR A 122 5.55 -3.35 -7.39
C TYR A 122 5.85 -3.04 -8.84
N THR A 123 6.37 -1.84 -9.10
CA THR A 123 6.72 -1.42 -10.45
C THR A 123 7.77 -2.34 -11.06
N THR A 124 8.79 -2.67 -10.27
CA THR A 124 9.85 -3.58 -10.71
C THR A 124 9.31 -4.98 -10.99
N LEU A 125 8.46 -5.48 -10.09
CA LEU A 125 7.86 -6.80 -10.25
C LEU A 125 7.03 -6.91 -11.51
N SER A 126 6.16 -5.92 -11.72
CA SER A 126 5.26 -5.93 -12.87
C SER A 126 6.04 -5.91 -14.19
N GLY A 127 7.16 -5.20 -14.21
CA GLY A 127 8.00 -5.15 -15.38
C GLY A 127 8.59 -6.52 -15.67
N LYS A 128 9.11 -7.16 -14.62
CA LYS A 128 9.66 -8.51 -14.73
C LYS A 128 8.60 -9.49 -15.19
N ILE A 129 7.39 -9.34 -14.67
CA ILE A 129 6.29 -10.20 -15.08
C ILE A 129 6.02 -10.01 -16.57
N GLU A 130 5.68 -8.78 -16.98
CA GLU A 130 5.36 -8.47 -18.37
C GLU A 130 6.43 -8.98 -19.35
N ARG A 131 7.70 -8.77 -19.00
CA ARG A 131 8.79 -9.23 -19.85
C ARG A 131 8.77 -10.74 -20.03
N LEU A 132 8.49 -11.47 -18.96
CA LEU A 132 8.51 -12.94 -19.03
C LEU A 132 7.37 -13.54 -19.86
N ARG A 133 6.13 -13.13 -19.61
CA ARG A 133 5.00 -13.69 -20.33
C ARG A 133 4.93 -13.20 -21.78
N MSE A 134 5.64 -12.12 -22.11
CA MSE A 134 5.79 -11.73 -23.50
C MSE A 134 6.70 -12.72 -24.22
O MSE A 134 6.53 -12.98 -25.41
CB MSE A 134 6.34 -10.32 -23.59
CG MSE A 134 5.30 -9.22 -23.41
SE MSE A 134 3.74 -9.46 -24.56
CE MSE A 134 2.48 -10.13 -23.23
N ASP A 135 7.65 -13.29 -23.48
CA ASP A 135 8.57 -14.27 -24.04
C ASP A 135 7.81 -15.53 -24.49
N LYS A 136 6.74 -15.86 -23.78
CA LYS A 136 5.89 -16.98 -24.17
C LYS A 136 5.07 -16.61 -25.39
N PHE A 137 4.62 -15.36 -25.43
CA PHE A 137 3.79 -14.86 -26.52
C PHE A 137 4.56 -14.82 -27.84
N ASN A 138 5.68 -14.12 -27.84
CA ASN A 138 6.52 -13.97 -29.02
C ASN A 138 6.97 -15.32 -29.58
N LYS A 139 7.34 -16.23 -28.68
CA LYS A 139 7.79 -17.55 -29.08
C LYS A 139 6.65 -18.38 -29.63
N LYS A 140 5.46 -18.22 -29.06
CA LYS A 140 4.28 -18.93 -29.55
C LYS A 140 3.88 -18.41 -30.92
N LYS A 141 3.93 -17.09 -31.09
CA LYS A 141 3.63 -16.47 -32.38
C LYS A 141 4.64 -16.91 -33.42
N GLY A 142 5.89 -17.04 -33.00
CA GLY A 142 6.97 -17.47 -33.88
C GLY A 142 6.76 -18.88 -34.43
N CYS A 143 6.23 -19.76 -33.60
CA CYS A 143 5.94 -21.14 -34.00
C CYS A 143 4.85 -21.18 -35.06
N GLU A 144 3.76 -20.48 -34.81
CA GLU A 144 2.63 -20.46 -35.72
C GLU A 144 3.03 -19.84 -37.06
N VAL A 145 3.83 -18.78 -37.00
CA VAL A 145 4.33 -18.12 -38.21
C VAL A 145 5.08 -19.10 -39.10
N LEU A 146 6.01 -19.83 -38.51
CA LEU A 146 6.83 -20.77 -39.27
C LEU A 146 6.05 -21.99 -39.71
N GLN A 147 5.03 -22.37 -38.94
CA GLN A 147 4.17 -23.48 -39.33
C GLN A 147 3.44 -23.15 -40.62
N LYS A 148 3.07 -21.88 -40.77
CA LYS A 148 2.49 -21.41 -42.03
C LYS A 148 3.52 -21.55 -43.14
N LYS A 149 4.72 -21.03 -42.89
CA LYS A 149 5.80 -21.09 -43.88
C LYS A 149 6.13 -22.51 -44.28
N LEU A 150 6.12 -23.42 -43.32
CA LEU A 150 6.40 -24.83 -43.58
C LEU A 150 5.33 -25.46 -44.49
N GLN A 151 4.07 -25.21 -44.16
CA GLN A 151 2.96 -25.73 -44.96
C GLN A 151 2.98 -25.14 -46.38
N ASP A 152 3.27 -23.84 -46.47
CA ASP A 152 3.40 -23.17 -47.76
C ASP A 152 4.48 -23.83 -48.60
N ALA A 153 5.66 -23.98 -48.02
CA ALA A 153 6.81 -24.56 -48.71
C ALA A 153 6.51 -26.01 -49.13
N GLN A 154 5.84 -26.75 -48.26
CA GLN A 154 5.46 -28.13 -48.56
C GLN A 154 4.46 -28.20 -49.71
N ILE A 155 3.58 -27.21 -49.78
CA ILE A 155 2.58 -27.17 -50.83
C ILE A 155 3.20 -26.79 -52.17
N ARG A 156 4.12 -25.83 -52.15
CA ARG A 156 4.77 -25.40 -53.39
C ARG A 156 5.70 -26.50 -53.91
N PHE A 157 6.22 -27.32 -53.00
CA PHE A 157 7.03 -28.46 -53.42
C PHE A 157 6.19 -29.51 -54.14
N ARG A 158 5.04 -29.86 -53.56
CA ARG A 158 4.16 -30.86 -54.15
C ARG A 158 3.59 -30.39 -55.49
N ASP A 159 3.36 -29.08 -55.60
CA ASP A 159 2.89 -28.51 -56.85
C ASP A 159 3.93 -28.63 -57.95
N LEU A 160 5.18 -28.38 -57.60
CA LEU A 160 6.27 -28.40 -58.56
C LEU A 160 6.57 -29.82 -59.07
N GLN A 161 6.43 -30.82 -58.20
CA GLN A 161 6.72 -32.18 -58.62
C GLN A 161 5.56 -32.75 -59.43
N LEU A 162 4.36 -32.25 -59.18
CA LEU A 162 3.20 -32.64 -59.98
C LEU A 162 3.30 -31.99 -61.35
N ASN A 163 4.08 -30.92 -61.41
CA ASN A 163 4.23 -30.12 -62.61
C ASN A 163 5.37 -30.62 -63.51
N GLU A 164 6.16 -31.54 -62.97
CA GLU A 164 7.41 -31.96 -63.60
C GLU A 164 7.19 -32.56 -64.99
N ASN A 165 6.03 -33.18 -65.21
CA ASN A 165 5.76 -33.87 -66.46
C ASN A 165 5.26 -32.96 -67.58
N ASN A 166 4.89 -31.74 -67.25
CA ASN A 166 4.36 -30.80 -68.24
C ASN A 166 5.44 -29.89 -68.82
N MSE A 167 6.70 -30.24 -68.57
CA MSE A 167 7.81 -29.40 -69.01
C MSE A 167 8.32 -29.86 -70.37
O MSE A 167 8.66 -31.04 -70.55
CB MSE A 167 8.93 -29.40 -67.98
CG MSE A 167 8.54 -28.89 -66.60
SE MSE A 167 8.15 -26.97 -66.57
CE MSE A 167 6.24 -27.02 -66.93
N ILE A 168 8.41 -28.92 -71.31
CA ILE A 168 8.75 -29.26 -72.68
C ILE A 168 10.22 -29.02 -73.01
N GLY A 169 10.65 -27.76 -72.95
CA GLY A 169 12.02 -27.41 -73.29
C GLY A 169 13.06 -27.91 -72.30
N ALA A 170 14.32 -27.84 -72.68
CA ALA A 170 15.42 -28.22 -71.79
C ALA A 170 15.62 -27.15 -70.72
N LYS A 171 15.33 -25.90 -71.09
CA LYS A 171 15.40 -24.79 -70.16
C LYS A 171 14.19 -24.80 -69.23
N ARG A 172 13.06 -25.26 -69.76
CA ARG A 172 11.84 -25.38 -68.97
C ARG A 172 11.96 -26.51 -67.96
N VAL A 173 12.55 -27.63 -68.38
CA VAL A 173 12.77 -28.77 -67.49
C VAL A 173 13.73 -28.41 -66.37
N GLU A 174 14.88 -27.85 -66.73
CA GLU A 174 15.91 -27.49 -65.76
C GLU A 174 15.38 -26.50 -64.73
N HIS A 175 14.67 -25.49 -65.20
CA HIS A 175 14.11 -24.47 -64.34
C HIS A 175 13.18 -25.06 -63.27
N ASN A 176 12.43 -26.08 -63.65
CA ASN A 176 11.49 -26.73 -62.74
C ASN A 176 12.22 -27.66 -61.77
N LYS A 177 13.31 -28.27 -62.24
CA LYS A 177 14.11 -29.14 -61.38
C LYS A 177 14.82 -28.31 -60.32
N ARG A 178 15.21 -27.09 -60.68
CA ARG A 178 15.85 -26.17 -59.73
C ARG A 178 14.88 -25.76 -58.65
N GLU A 179 13.69 -25.34 -59.07
CA GLU A 179 12.62 -24.97 -58.16
C GLU A 179 12.26 -26.11 -57.23
N LEU A 180 12.30 -27.32 -57.78
CA LEU A 180 11.99 -28.51 -57.00
C LEU A 180 12.92 -28.65 -55.79
N LEU A 181 14.21 -28.55 -56.03
CA LEU A 181 15.19 -28.75 -54.96
C LEU A 181 15.23 -27.54 -54.03
N LYS A 182 15.02 -26.35 -54.59
CA LYS A 182 14.99 -25.13 -53.78
C LYS A 182 13.92 -25.22 -52.71
N TRP A 183 12.76 -25.74 -53.09
CA TRP A 183 11.63 -25.83 -52.17
C TRP A 183 11.61 -27.16 -51.42
N GLU A 184 12.43 -28.10 -51.88
CA GLU A 184 12.74 -29.28 -51.10
C GLU A 184 13.62 -28.86 -49.93
N SER A 185 14.60 -28.01 -50.23
CA SER A 185 15.51 -27.48 -49.22
C SER A 185 14.75 -26.64 -48.20
N ASN A 186 13.91 -25.75 -48.70
CA ASN A 186 13.10 -24.88 -47.85
C ASN A 186 12.23 -25.67 -46.89
N SER A 187 11.57 -26.70 -47.41
CA SER A 187 10.71 -27.55 -46.57
C SER A 187 11.51 -28.23 -45.48
N GLN A 188 12.72 -28.67 -45.82
CA GLN A 188 13.58 -29.37 -44.85
C GLN A 188 14.07 -28.44 -43.76
N GLU A 189 14.52 -27.24 -44.16
CA GLU A 189 15.06 -26.29 -43.20
C GLU A 189 13.96 -25.72 -42.31
N TYR A 190 12.82 -25.39 -42.89
CA TYR A 190 11.69 -24.87 -42.15
C TYR A 190 11.24 -25.85 -41.08
N LYS A 191 11.25 -27.13 -41.44
CA LYS A 191 10.86 -28.18 -40.51
C LYS A 191 11.80 -28.21 -39.31
N VAL A 192 13.09 -28.07 -39.57
CA VAL A 192 14.07 -28.05 -38.50
C VAL A 192 13.97 -26.77 -37.68
N GLN A 193 13.86 -25.64 -38.38
CA GLN A 193 13.69 -24.34 -37.72
C GLN A 193 12.44 -24.32 -36.84
N LEU A 194 11.45 -25.13 -37.19
CA LEU A 194 10.21 -25.20 -36.44
C LEU A 194 10.35 -26.10 -35.22
N ASP A 195 11.08 -27.20 -35.36
CA ASP A 195 11.28 -28.13 -34.26
C ASP A 195 12.05 -27.46 -33.12
N VAL A 196 13.08 -26.70 -33.47
CA VAL A 196 13.89 -26.03 -32.46
C VAL A 196 13.11 -24.91 -31.78
N LEU A 197 12.36 -24.14 -32.56
CA LEU A 197 11.57 -23.05 -32.01
C LEU A 197 10.43 -23.60 -31.17
N LYS A 198 9.98 -24.82 -31.49
CA LYS A 198 8.99 -25.49 -30.65
C LYS A 198 9.61 -25.77 -29.29
N GLN A 199 10.83 -26.29 -29.28
CA GLN A 199 11.46 -26.65 -28.01
C GLN A 199 11.84 -25.42 -27.19
N GLU A 200 12.16 -24.33 -27.88
CA GLU A 200 12.43 -23.05 -27.20
C GLU A 200 11.19 -22.57 -26.46
N TYR A 201 10.04 -22.82 -27.06
CA TYR A 201 8.75 -22.41 -26.50
C TYR A 201 8.39 -23.25 -25.28
N LYS A 202 8.56 -24.57 -25.37
CA LYS A 202 8.29 -25.44 -24.23
C LYS A 202 9.26 -25.17 -23.08
N ALA A 203 10.48 -24.75 -23.41
CA ALA A 203 11.44 -24.34 -22.39
C ALA A 203 10.96 -23.06 -21.71
N SER A 204 10.47 -22.13 -22.51
CA SER A 204 9.98 -20.85 -22.01
C SER A 204 8.71 -21.05 -21.17
N GLN A 205 7.92 -22.06 -21.53
CA GLN A 205 6.75 -22.41 -20.74
C GLN A 205 7.18 -22.94 -19.38
N LYS A 206 8.26 -23.72 -19.38
CA LYS A 206 8.76 -24.34 -18.16
C LYS A 206 9.42 -23.31 -17.25
N PHE A 207 10.06 -22.32 -17.86
CA PHE A 207 10.73 -21.27 -17.11
C PHE A 207 9.72 -20.35 -16.42
N TRP A 208 8.60 -20.11 -17.10
CA TRP A 208 7.54 -19.27 -16.53
C TRP A 208 6.95 -19.91 -15.29
N ILE A 209 6.68 -21.21 -15.38
CA ILE A 209 6.17 -21.97 -14.25
C ILE A 209 7.15 -21.91 -13.09
N HIS A 210 8.43 -22.08 -13.39
CA HIS A 210 9.49 -21.96 -12.40
C HIS A 210 9.50 -20.57 -11.77
N GLU A 211 9.39 -19.55 -12.61
CA GLU A 211 9.44 -18.16 -12.14
C GLU A 211 8.17 -17.75 -11.40
N TRP A 212 7.01 -18.04 -11.98
CA TRP A 212 5.74 -17.62 -11.38
C TRP A 212 5.51 -18.26 -10.01
N ALA A 213 6.10 -19.43 -9.79
CA ALA A 213 6.03 -20.08 -8.50
C ALA A 213 6.74 -19.23 -7.44
N GLN A 214 7.71 -18.46 -7.89
CA GLN A 214 8.50 -17.61 -7.00
C GLN A 214 7.94 -16.19 -6.90
N LEU A 215 7.52 -15.65 -8.04
CA LEU A 215 7.10 -14.25 -8.09
C LEU A 215 5.72 -14.05 -7.46
N SER A 216 4.90 -15.09 -7.46
CA SER A 216 3.62 -15.03 -6.78
C SER A 216 3.84 -15.03 -5.28
N CYS A 217 4.93 -15.63 -4.84
CA CYS A 217 5.30 -15.60 -3.43
C CYS A 217 5.79 -14.20 -3.06
N GLU A 218 6.56 -13.59 -3.96
CA GLU A 218 7.00 -12.21 -3.77
C GLU A 218 5.79 -11.28 -3.61
N LEU A 219 4.75 -11.52 -4.42
CA LEU A 219 3.51 -10.75 -4.31
C LEU A 219 2.82 -11.00 -2.98
N GLN A 220 2.73 -12.27 -2.60
CA GLN A 220 2.08 -12.65 -1.34
C GLN A 220 2.85 -12.07 -0.14
N GLU A 221 4.15 -11.87 -0.31
CA GLU A 221 4.96 -11.25 0.72
C GLU A 221 4.70 -9.74 0.75
N MSE A 222 4.47 -9.16 -0.42
CA MSE A 222 4.18 -7.74 -0.52
C MSE A 222 2.89 -7.39 0.21
O MSE A 222 2.86 -6.50 1.06
CB MSE A 222 4.05 -7.31 -1.98
CG MSE A 222 5.36 -7.27 -2.75
SE MSE A 222 5.19 -6.11 -4.29
CE MSE A 222 4.86 -4.43 -3.35
N GLU A 223 1.81 -8.09 -0.13
CA GLU A 223 0.51 -7.85 0.47
C GLU A 223 0.56 -8.13 1.96
N ASN A 224 1.21 -9.22 2.36
CA ASN A 224 1.34 -9.56 3.77
C ASN A 224 2.07 -8.46 4.55
N ALA A 225 3.09 -7.88 3.93
CA ALA A 225 3.85 -6.79 4.53
C ALA A 225 3.02 -5.51 4.52
N ARG A 226 2.09 -5.41 3.58
CA ARG A 226 1.22 -4.23 3.51
C ARG A 226 0.12 -4.28 4.58
N ILE A 227 -0.55 -5.42 4.68
CA ILE A 227 -1.59 -5.60 5.69
C ILE A 227 -1.03 -5.42 7.10
N SER A 228 0.04 -6.15 7.40
CA SER A 228 0.63 -6.16 8.74
C SER A 228 1.14 -4.78 9.17
N PHE A 229 1.76 -4.07 8.24
CA PHE A 229 2.29 -2.73 8.51
C PHE A 229 1.14 -1.78 8.87
N LEU A 230 0.10 -1.78 8.06
CA LEU A 230 -1.08 -0.95 8.31
C LEU A 230 -1.78 -1.38 9.60
N GLN A 231 -1.76 -2.69 9.84
CA GLN A 231 -2.37 -3.24 11.04
C GLN A 231 -1.66 -2.73 12.30
N SER A 232 -0.33 -2.72 12.29
CA SER A 232 0.43 -2.26 13.44
C SER A 232 0.36 -0.74 13.59
N LYS A 233 0.35 -0.04 12.47
CA LYS A 233 0.29 1.43 12.48
C LYS A 233 -1.05 1.92 13.02
N LEU A 234 -2.10 1.12 12.87
CA LEU A 234 -3.42 1.52 13.34
C LEU A 234 -3.58 1.29 14.85
N GLN A 235 -2.80 0.38 15.43
CA GLN A 235 -2.83 0.22 16.87
C GLN A 235 -2.02 1.36 17.48
N GLN A 236 -0.84 1.60 16.92
CA GLN A 236 0.00 2.73 17.34
C GLN A 236 -0.82 4.02 17.34
N PHE A 237 -1.73 4.11 16.37
CA PHE A 237 -2.72 5.17 16.32
C PHE A 237 -3.70 5.06 17.49
N ALA A 238 -4.30 3.88 17.66
CA ALA A 238 -5.30 3.64 18.69
C ALA A 238 -4.72 3.63 20.10
N THR A 239 -3.40 3.50 20.22
CA THR A 239 -2.74 3.50 21.52
C THR A 239 -2.37 4.92 21.92
N SER A 240 -1.81 5.67 20.98
CA SER A 240 -1.44 7.07 21.20
C SER A 240 -2.67 7.89 21.57
N SER A 241 -3.76 7.66 20.86
CA SER A 241 -5.02 8.33 21.16
C SER A 241 -5.56 7.88 22.51
N MSE A 242 -5.46 6.59 22.76
CA MSE A 242 -5.92 6.00 24.03
C MSE A 242 -5.24 6.63 25.23
O MSE A 242 -5.86 6.87 26.25
CB MSE A 242 -5.68 4.49 24.04
CG MSE A 242 -6.12 3.80 25.31
SE MSE A 242 -8.05 3.90 25.53
CE MSE A 242 -8.56 2.37 24.45
N GLU A 243 -3.94 6.90 25.10
CA GLU A 243 -3.17 7.46 26.19
C GLU A 243 -3.69 8.83 26.57
N THR A 244 -4.12 9.59 25.57
CA THR A 244 -4.69 10.91 25.81
C THR A 244 -6.01 10.82 26.57
N TYR A 245 -6.92 10.00 26.06
CA TYR A 245 -8.26 9.86 26.63
C TYR A 245 -8.21 9.36 28.07
N ILE A 246 -7.26 8.46 28.35
CA ILE A 246 -7.10 7.93 29.69
C ILE A 246 -6.53 9.01 30.61
N LEU A 247 -5.64 9.84 30.07
CA LEU A 247 -5.10 10.97 30.81
C LEU A 247 -6.17 12.00 31.10
N GLU A 248 -6.94 12.35 30.08
CA GLU A 248 -7.97 13.38 30.21
C GLU A 248 -9.01 12.98 31.25
N GLN A 249 -9.24 11.68 31.37
CA GLN A 249 -10.18 11.18 32.38
C GLN A 249 -9.62 11.40 33.78
N THR A 250 -8.33 11.13 33.96
CA THR A 250 -7.67 11.27 35.25
C THR A 250 -7.66 12.72 35.72
N LYS A 251 -7.55 13.64 34.77
CA LYS A 251 -7.51 15.05 35.09
C LYS A 251 -8.89 15.59 35.49
N MSE A 252 -9.93 15.05 34.86
CA MSE A 252 -11.29 15.43 35.24
C MSE A 252 -11.69 14.75 36.55
O MSE A 252 -12.61 15.20 37.24
CB MSE A 252 -12.29 15.08 34.13
CG MSE A 252 -12.05 15.82 32.83
SE MSE A 252 -12.36 17.72 33.01
CE MSE A 252 -11.79 18.31 31.23
N ASP A 253 -11.01 13.65 36.88
CA ASP A 253 -11.18 13.04 38.19
C ASP A 253 -10.65 13.99 39.25
N MSE A 254 -9.47 14.55 38.99
CA MSE A 254 -8.87 15.54 39.89
C MSE A 254 -9.83 16.68 40.17
O MSE A 254 -10.06 17.05 41.33
CB MSE A 254 -7.57 16.10 39.30
CG MSE A 254 -6.39 15.15 39.31
SE MSE A 254 -4.72 16.15 39.46
CE MSE A 254 -4.94 17.38 37.97
N LEU A 255 -10.38 17.25 39.09
CA LEU A 255 -11.27 18.40 39.20
C LEU A 255 -12.52 18.05 39.98
N THR A 256 -13.09 16.90 39.68
CA THR A 256 -14.25 16.41 40.42
C THR A 256 -13.92 16.19 41.90
N ASN A 257 -12.76 15.59 42.17
CA ASN A 257 -12.36 15.23 43.54
C ASN A 257 -12.21 16.41 44.48
N HIS A 258 -11.91 17.58 43.91
CA HIS A 258 -11.65 18.79 44.68
C HIS A 258 -12.83 19.76 44.69
N LEU A 259 -13.69 19.63 43.70
CA LEU A 259 -14.96 20.34 43.71
C LEU A 259 -15.83 19.81 44.83
N ASN A 260 -15.62 18.54 45.17
CA ASN A 260 -16.37 17.90 46.24
C ASN A 260 -15.63 17.95 47.58
N SER A 261 -14.46 18.61 47.60
CA SER A 261 -13.65 18.66 48.81
C SER A 261 -14.03 19.82 49.73
N PHE A 262 -14.82 20.76 49.21
CA PHE A 262 -15.20 21.92 50.00
C PHE A 262 -16.63 22.36 49.72
N THR A 263 -17.18 23.14 50.64
CA THR A 263 -18.50 23.73 50.49
C THR A 263 -18.40 25.24 50.60
N ALA A 264 -19.43 25.94 50.13
CA ALA A 264 -19.46 27.40 50.19
C ALA A 264 -19.45 27.89 51.64
N ALA A 265 -19.95 27.06 52.55
CA ALA A 265 -19.97 27.40 53.97
C ALA A 265 -18.55 27.49 54.53
N ASP A 266 -17.66 26.70 53.96
CA ASP A 266 -16.26 26.70 54.38
C ASP A 266 -15.59 28.02 54.01
N GLU A 267 -15.92 28.53 52.82
CA GLU A 267 -15.30 29.75 52.31
C GLU A 267 -15.71 30.96 53.12
N ILE A 268 -16.95 30.96 53.59
CA ILE A 268 -17.45 32.06 54.40
C ILE A 268 -16.84 32.02 55.79
N SER A 269 -16.72 30.83 56.35
CA SER A 269 -16.13 30.64 57.68
C SER A 269 -14.69 31.14 57.74
N THR A 270 -13.88 30.70 56.79
CA THR A 270 -12.46 31.03 56.78
C THR A 270 -12.22 32.51 56.47
N PHE A 271 -12.96 33.07 55.52
CA PHE A 271 -12.80 34.47 55.15
C PHE A 271 -13.08 35.38 56.34
N SER A 272 -14.11 35.06 57.11
CA SER A 272 -14.49 35.85 58.27
C SER A 272 -13.44 35.74 59.37
N LYS A 273 -12.78 34.58 59.42
CA LYS A 273 -11.70 34.36 60.38
C LYS A 273 -10.50 35.26 60.09
N GLU A 274 -10.16 35.38 58.82
CA GLU A 274 -8.97 36.11 58.41
C GLU A 274 -9.15 37.62 58.36
N ASN A 275 -10.36 38.06 58.05
CA ASN A 275 -10.58 39.47 57.75
C ASN A 275 -11.70 40.12 58.55
N GLY A 276 -12.18 39.45 59.58
CA GLY A 276 -13.21 40.00 60.44
C GLY A 276 -12.70 41.22 61.18
N THR A 277 -13.54 42.24 61.30
CA THR A 277 -13.12 43.50 61.94
C THR A 277 -13.65 43.63 63.36
N GLY A 278 -14.09 42.52 63.94
CA GLY A 278 -14.60 42.53 65.30
C GLY A 278 -16.08 42.22 65.37
N ARG A 279 -16.50 41.63 66.48
CA ARG A 279 -17.88 41.23 66.65
C ARG A 279 -18.70 42.34 67.32
N LEU A 280 -19.95 42.03 67.64
CA LEU A 280 -20.84 43.01 68.25
C LEU A 280 -21.19 42.64 69.69
N LYS A 281 -21.11 43.63 70.58
CA LYS A 281 -21.48 43.42 71.98
C LYS A 281 -22.43 44.53 72.46
#